data_7X1C
#
_entry.id   7X1C
#
_cell.length_a   50.721
_cell.length_b   82.163
_cell.length_c   110.081
_cell.angle_alpha   90.00
_cell.angle_beta   90.00
_cell.angle_gamma   90.00
#
_symmetry.space_group_name_H-M   'P 21 21 21'
#
loop_
_entity.id
_entity.type
_entity.pdbx_description
1 polymer HLA-B
2 polymer Beta-2-microglobulin
3 polymer VAL-SER-PHE-ILE-GLU-PHE-VAL-ILE
4 non-polymer GLYCEROL
5 water water
#
loop_
_entity_poly.entity_id
_entity_poly.type
_entity_poly.pdbx_seq_one_letter_code
_entity_poly.pdbx_strand_id
1 'polypeptide(L)'
;GSHSMRYFYTAMSRPGRGEPRFIAVGYVDDTQFVRFDSDAASPRTEPRAPWIEQEGPEYWDGETRNMKASAQTYRENLRI
ALRYYNQSEAGSHIIQRMYGCDLGPDGRLLRGHDQSAYDGKDYIALNEDLSSWTAADTAAQITQRKWEAARVAEQLRAYL
EGLCVEWLRRYLENGKETLQRADPPKTHVTHHPVSDHEATLRCWALGFYPAEITLTWQRDGEDQTQDTELVETRPAGDRT
FQKWAAVVVPSGEEQRYTCHVQHEGLPKPLTLRWEPS
;
A
2 'polypeptide(L)'
;IQRTPKIQVYSRHPAENGKSNFLNCYVSGFHPSDIEVDLLKNGERIEKVEHSDLSFSKDWSFYLLYYTEFTPTEKDEYAC
RVNHVTLSQPKIVKWDRDM
;
B
3 'polypeptide(L)' VSFIEFVI C
#
# COMPACT_ATOMS: atom_id res chain seq x y z
N GLY A 1 -13.25 11.79 11.88
CA GLY A 1 -13.80 11.41 10.60
C GLY A 1 -14.07 9.93 10.50
N SER A 2 -14.01 9.41 9.28
CA SER A 2 -14.23 7.99 9.04
C SER A 2 -12.92 7.24 9.19
N HIS A 3 -13.02 5.95 9.53
CA HIS A 3 -11.83 5.16 9.80
C HIS A 3 -12.07 3.74 9.31
N SER A 4 -10.98 3.02 9.10
CA SER A 4 -11.10 1.64 8.63
C SER A 4 -10.03 0.79 9.29
N MET A 5 -10.32 -0.50 9.39
CA MET A 5 -9.33 -1.50 9.74
C MET A 5 -9.29 -2.56 8.62
N ARG A 6 -8.09 -2.96 8.21
CA ARG A 6 -7.96 -3.95 7.15
C ARG A 6 -6.81 -4.88 7.44
N TYR A 7 -7.03 -6.16 7.21
CA TYR A 7 -5.96 -7.15 7.18
C TYR A 7 -5.73 -7.55 5.73
N PHE A 8 -4.46 -7.73 5.38
CA PHE A 8 -4.02 -8.10 4.05
C PHE A 8 -3.16 -9.35 4.17
N TYR A 9 -3.62 -10.44 3.57
CA TYR A 9 -2.90 -11.70 3.61
C TYR A 9 -2.39 -12.07 2.23
N THR A 10 -1.16 -12.55 2.15
CA THR A 10 -0.58 -13.06 0.91
C THR A 10 -0.01 -14.44 1.20
N ALA A 11 -0.41 -15.42 0.39
CA ALA A 11 0.13 -16.77 0.51
C ALA A 11 0.68 -17.17 -0.85
N MET A 12 1.94 -17.61 -0.89
N MET A 12 1.93 -17.61 -0.89
CA MET A 12 2.62 -17.86 -2.14
CA MET A 12 2.60 -17.86 -2.16
C MET A 12 3.27 -19.23 -2.14
C MET A 12 3.26 -19.22 -2.14
N SER A 13 2.89 -20.07 -3.10
CA SER A 13 3.55 -21.37 -3.24
C SER A 13 4.86 -21.19 -3.99
N ARG A 14 5.76 -22.17 -3.81
CA ARG A 14 7.11 -22.08 -4.36
C ARG A 14 7.67 -23.49 -4.46
N PRO A 15 7.14 -24.28 -5.39
CA PRO A 15 7.56 -25.69 -5.49
C PRO A 15 9.07 -25.82 -5.59
N GLY A 16 9.62 -26.73 -4.80
CA GLY A 16 11.05 -26.96 -4.76
C GLY A 16 11.77 -26.10 -3.75
N ARG A 17 11.08 -25.12 -3.17
CA ARG A 17 11.65 -24.19 -2.20
C ARG A 17 10.86 -24.18 -0.90
N GLY A 18 10.31 -25.34 -0.52
CA GLY A 18 9.58 -25.43 0.72
C GLY A 18 8.09 -25.24 0.57
N GLU A 19 7.43 -25.13 1.71
CA GLU A 19 6.00 -24.95 1.75
C GLU A 19 5.66 -23.49 1.50
N PRO A 20 4.40 -23.18 1.19
CA PRO A 20 4.09 -21.80 0.81
C PRO A 20 4.35 -20.83 1.94
N ARG A 21 4.79 -19.63 1.57
CA ARG A 21 5.02 -18.54 2.53
C ARG A 21 3.72 -17.81 2.76
N PHE A 22 3.47 -17.44 4.01
CA PHE A 22 2.29 -16.67 4.39
C PHE A 22 2.74 -15.39 5.08
N ILE A 23 2.27 -14.24 4.58
CA ILE A 23 2.54 -12.94 5.16
C ILE A 23 1.19 -12.28 5.44
N ALA A 24 1.04 -11.73 6.64
CA ALA A 24 -0.15 -10.97 7.01
C ALA A 24 0.27 -9.61 7.55
N VAL A 25 -0.44 -8.56 7.14
CA VAL A 25 -0.27 -7.27 7.78
C VAL A 25 -1.64 -6.71 8.13
N GLY A 26 -1.69 -5.90 9.18
CA GLY A 26 -2.91 -5.23 9.58
C GLY A 26 -2.68 -3.74 9.59
N TYR A 27 -3.71 -2.99 9.14
CA TYR A 27 -3.67 -1.53 9.10
C TYR A 27 -4.89 -0.95 9.77
N VAL A 28 -4.70 0.21 10.41
CA VAL A 28 -5.81 1.11 10.71
C VAL A 28 -5.59 2.33 9.85
N ASP A 29 -6.56 2.65 8.98
CA ASP A 29 -6.37 3.74 8.01
C ASP A 29 -5.06 3.48 7.27
N ASP A 30 -4.13 4.45 7.20
CA ASP A 30 -2.89 4.26 6.47
C ASP A 30 -1.73 3.94 7.41
N THR A 31 -2.02 3.39 8.59
CA THR A 31 -1.00 3.07 9.59
C THR A 31 -0.95 1.57 9.80
N GLN A 32 0.17 0.94 9.43
CA GLN A 32 0.33 -0.47 9.73
C GLN A 32 0.54 -0.67 11.23
N PHE A 33 -0.04 -1.73 11.78
CA PHE A 33 0.11 -1.96 13.22
C PHE A 33 0.53 -3.35 13.60
N VAL A 34 0.40 -4.35 12.73
CA VAL A 34 0.90 -5.70 13.03
C VAL A 34 1.44 -6.33 11.76
N ARG A 35 2.32 -7.32 11.95
CA ARG A 35 2.78 -8.16 10.85
C ARG A 35 2.97 -9.59 11.33
N PHE A 36 2.98 -10.52 10.38
CA PHE A 36 3.32 -11.91 10.61
C PHE A 36 3.97 -12.44 9.34
N ASP A 37 5.05 -13.20 9.48
CA ASP A 37 5.72 -13.78 8.31
C ASP A 37 6.11 -15.20 8.66
N SER A 38 5.54 -16.18 7.95
CA SER A 38 5.84 -17.58 8.23
C SER A 38 7.30 -17.94 7.99
N ASP A 39 8.05 -17.13 7.25
CA ASP A 39 9.47 -17.40 7.01
C ASP A 39 10.38 -16.82 8.09
N ALA A 40 9.82 -16.09 9.04
CA ALA A 40 10.66 -15.49 10.08
C ALA A 40 11.34 -16.59 10.88
N ALA A 41 12.50 -16.24 11.47
CA ALA A 41 13.22 -17.22 12.29
C ALA A 41 12.30 -17.81 13.34
N SER A 42 11.51 -16.96 14.01
CA SER A 42 10.49 -17.41 14.96
C SER A 42 9.18 -16.69 14.62
N PRO A 43 8.32 -17.31 13.82
CA PRO A 43 7.12 -16.57 13.36
C PRO A 43 6.19 -16.21 14.51
N ARG A 44 5.88 -14.93 14.61
CA ARG A 44 5.01 -14.38 15.64
C ARG A 44 4.28 -13.18 15.06
N THR A 45 3.05 -12.92 15.53
CA THR A 45 2.45 -11.62 15.27
C THR A 45 3.21 -10.57 16.05
N GLU A 46 3.65 -9.52 15.36
CA GLU A 46 4.53 -8.53 15.96
C GLU A 46 3.95 -7.13 15.81
N PRO A 47 4.21 -6.26 16.78
CA PRO A 47 3.71 -4.88 16.69
C PRO A 47 4.50 -4.05 15.68
N ARG A 48 3.78 -3.14 15.01
CA ARG A 48 4.41 -2.24 14.05
C ARG A 48 3.97 -0.77 14.24
N ALA A 49 3.22 -0.49 15.30
CA ALA A 49 2.83 0.86 15.69
C ALA A 49 2.99 0.96 17.20
N PRO A 50 3.33 2.14 17.72
CA PRO A 50 3.56 2.24 19.17
C PRO A 50 2.32 1.96 20.02
N TRP A 51 1.12 2.28 19.52
CA TRP A 51 -0.09 2.19 20.32
C TRP A 51 -0.63 0.76 20.46
N ILE A 52 -0.11 -0.20 19.69
CA ILE A 52 -0.50 -1.59 19.86
C ILE A 52 0.39 -2.31 20.87
N GLU A 53 1.55 -1.73 21.20
CA GLU A 53 2.49 -2.42 22.07
C GLU A 53 1.91 -2.72 23.44
N GLN A 54 0.99 -1.88 23.92
CA GLN A 54 0.42 -2.08 25.25
C GLN A 54 -0.50 -3.30 25.33
N GLU A 55 -0.88 -3.92 24.20
CA GLU A 55 -1.69 -5.13 24.30
C GLU A 55 -0.91 -6.23 25.02
N GLY A 56 -1.63 -7.03 25.81
CA GLY A 56 -1.00 -7.98 26.70
C GLY A 56 -0.63 -9.28 26.01
N PRO A 57 0.02 -10.18 26.75
CA PRO A 57 0.45 -11.44 26.16
C PRO A 57 -0.67 -12.26 25.55
N GLU A 58 -1.88 -12.19 26.13
CA GLU A 58 -2.99 -12.95 25.56
C GLU A 58 -3.29 -12.46 24.15
N TYR A 59 -3.13 -11.16 23.91
CA TYR A 59 -3.33 -10.63 22.57
C TYR A 59 -2.32 -11.21 21.60
N TRP A 60 -1.03 -11.11 21.93
CA TRP A 60 0.03 -11.54 21.00
C TRP A 60 0.02 -13.04 20.82
N ASP A 61 -0.23 -13.80 21.89
CA ASP A 61 -0.32 -15.24 21.74
C ASP A 61 -1.51 -15.63 20.88
N GLY A 62 -2.66 -14.97 21.08
CA GLY A 62 -3.86 -15.36 20.35
C GLY A 62 -3.74 -15.00 18.87
N GLU A 63 -3.20 -13.81 18.58
CA GLU A 63 -3.02 -13.43 17.18
C GLU A 63 -2.00 -14.33 16.51
N THR A 64 -0.93 -14.70 17.22
CA THR A 64 0.06 -15.62 16.65
C THR A 64 -0.57 -16.98 16.36
N ARG A 65 -1.34 -17.50 17.32
CA ARG A 65 -2.03 -18.78 17.08
C ARG A 65 -2.91 -18.69 15.85
N ASN A 66 -3.69 -17.61 15.73
CA ASN A 66 -4.60 -17.46 14.59
C ASN A 66 -3.82 -17.37 13.28
N MET A 67 -2.72 -16.60 13.26
CA MET A 67 -1.99 -16.44 12.00
C MET A 67 -1.29 -17.73 11.61
N LYS A 68 -0.75 -18.48 12.58
CA LYS A 68 -0.14 -19.78 12.25
C LYS A 68 -1.18 -20.70 11.64
N ALA A 69 -2.39 -20.73 12.21
CA ALA A 69 -3.44 -21.59 11.69
C ALA A 69 -3.88 -21.13 10.30
N SER A 70 -3.94 -19.80 10.08
CA SER A 70 -4.26 -19.28 8.76
C SER A 70 -3.20 -19.71 7.74
N ALA A 71 -1.93 -19.65 8.12
CA ALA A 71 -0.89 -20.10 7.21
C ALA A 71 -1.13 -21.55 6.77
N GLN A 72 -1.49 -22.42 7.72
CA GLN A 72 -1.75 -23.82 7.38
C GLN A 72 -2.95 -23.95 6.45
N THR A 73 -4.02 -23.19 6.75
CA THR A 73 -5.17 -23.25 5.86
C THR A 73 -4.84 -22.79 4.45
N TYR A 74 -4.00 -21.75 4.31
CA TYR A 74 -3.65 -21.31 2.96
C TYR A 74 -2.84 -22.34 2.21
N ARG A 75 -2.05 -23.16 2.89
CA ARG A 75 -1.37 -24.22 2.18
C ARG A 75 -2.36 -25.19 1.58
N GLU A 76 -3.43 -25.51 2.32
CA GLU A 76 -4.46 -26.33 1.71
C GLU A 76 -5.18 -25.58 0.59
N ASN A 77 -5.48 -24.30 0.78
CA ASN A 77 -6.20 -23.57 -0.26
C ASN A 77 -5.39 -23.53 -1.55
N LEU A 78 -4.05 -23.38 -1.47
CA LEU A 78 -3.25 -23.38 -2.68
C LEU A 78 -3.33 -24.73 -3.40
N ARG A 79 -3.36 -25.82 -2.65
CA ARG A 79 -3.51 -27.14 -3.28
C ARG A 79 -4.89 -27.28 -3.92
N ILE A 80 -5.94 -26.80 -3.25
CA ILE A 80 -7.29 -26.88 -3.80
C ILE A 80 -7.38 -26.05 -5.08
N ALA A 81 -6.80 -24.85 -5.08
CA ALA A 81 -6.89 -23.99 -6.25
C ALA A 81 -6.30 -24.69 -7.48
N LEU A 82 -5.23 -25.47 -7.31
CA LEU A 82 -4.70 -26.20 -8.47
C LEU A 82 -5.76 -27.11 -9.05
N ARG A 83 -6.51 -27.80 -8.21
CA ARG A 83 -7.55 -28.70 -8.71
C ARG A 83 -8.66 -27.92 -9.40
N TYR A 84 -9.01 -26.75 -8.86
CA TYR A 84 -10.09 -25.94 -9.42
C TYR A 84 -9.74 -25.35 -10.79
N TYR A 85 -8.45 -25.18 -11.09
CA TYR A 85 -8.02 -24.59 -12.35
C TYR A 85 -7.24 -25.57 -13.23
N ASN A 86 -7.21 -26.85 -12.87
CA ASN A 86 -6.55 -27.88 -13.69
C ASN A 86 -5.07 -27.57 -13.87
N GLN A 87 -4.43 -27.06 -12.82
CA GLN A 87 -3.05 -26.59 -12.91
C GLN A 87 -2.09 -27.61 -12.33
N SER A 88 -0.86 -27.54 -12.81
CA SER A 88 0.14 -28.49 -12.36
C SER A 88 0.76 -28.08 -11.02
N GLU A 89 1.39 -29.06 -10.36
CA GLU A 89 2.06 -28.81 -9.08
C GLU A 89 3.41 -28.12 -9.26
N ALA A 90 3.81 -27.79 -10.49
CA ALA A 90 5.13 -27.23 -10.73
C ALA A 90 5.19 -25.71 -10.65
N GLY A 91 4.07 -25.00 -10.79
CA GLY A 91 4.13 -23.55 -10.80
C GLY A 91 3.93 -22.91 -9.44
N SER A 92 4.34 -21.65 -9.37
CA SER A 92 4.16 -20.82 -8.19
C SER A 92 2.87 -20.00 -8.37
N HIS A 93 2.06 -19.95 -7.31
CA HIS A 93 0.76 -19.28 -7.34
C HIS A 93 0.56 -18.51 -6.06
N ILE A 94 -0.36 -17.54 -6.10
CA ILE A 94 -0.60 -16.66 -4.97
C ILE A 94 -2.09 -16.57 -4.68
N ILE A 95 -2.47 -16.71 -3.40
CA ILE A 95 -3.80 -16.32 -2.95
C ILE A 95 -3.64 -15.10 -2.07
N GLN A 96 -4.51 -14.10 -2.25
CA GLN A 96 -4.53 -12.93 -1.39
C GLN A 96 -5.92 -12.77 -0.80
N ARG A 97 -5.97 -12.20 0.39
CA ARG A 97 -7.23 -11.91 1.05
C ARG A 97 -7.15 -10.54 1.69
N MET A 98 -8.26 -9.81 1.62
N MET A 98 -8.23 -9.78 1.59
CA MET A 98 -8.39 -8.53 2.30
CA MET A 98 -8.32 -8.54 2.35
C MET A 98 -9.70 -8.59 3.06
C MET A 98 -9.68 -8.49 3.03
N TYR A 99 -9.70 -8.14 4.31
CA TYR A 99 -10.97 -8.06 5.03
C TYR A 99 -10.89 -7.00 6.11
N GLY A 100 -12.06 -6.55 6.54
CA GLY A 100 -12.11 -5.63 7.64
C GLY A 100 -13.35 -4.77 7.58
N CYS A 101 -13.32 -3.68 8.33
CA CYS A 101 -14.50 -2.86 8.54
C CYS A 101 -14.20 -1.39 8.37
N ASP A 102 -15.21 -0.65 7.93
CA ASP A 102 -15.18 0.79 7.80
C ASP A 102 -16.15 1.37 8.81
N LEU A 103 -15.74 2.44 9.49
CA LEU A 103 -16.60 3.16 10.43
C LEU A 103 -16.92 4.53 9.87
N GLY A 104 -18.18 4.93 10.03
CA GLY A 104 -18.57 6.28 9.72
C GLY A 104 -18.17 7.25 10.82
N PRO A 105 -18.40 8.54 10.57
CA PRO A 105 -17.99 9.56 11.56
C PRO A 105 -18.63 9.38 12.92
N ASP A 106 -19.72 8.61 13.03
CA ASP A 106 -20.36 8.37 14.31
C ASP A 106 -19.81 7.15 15.05
N GLY A 107 -18.85 6.42 14.45
CA GLY A 107 -18.31 5.22 15.07
C GLY A 107 -19.10 3.95 14.79
N ARG A 108 -20.16 4.03 14.00
CA ARG A 108 -20.91 2.82 13.70
C ARG A 108 -20.37 2.18 12.42
N LEU A 109 -20.62 0.88 12.28
CA LEU A 109 -20.24 0.19 11.06
C LEU A 109 -20.86 0.86 9.85
N LEU A 110 -20.00 1.24 8.91
CA LEU A 110 -20.41 1.76 7.62
C LEU A 110 -20.53 0.64 6.61
N ARG A 111 -19.50 -0.19 6.53
CA ARG A 111 -19.61 -1.42 5.77
C ARG A 111 -18.47 -2.36 6.12
N GLY A 112 -18.69 -3.64 5.85
CA GLY A 112 -17.68 -4.66 6.03
C GLY A 112 -17.19 -5.20 4.70
N HIS A 113 -16.06 -5.90 4.76
CA HIS A 113 -15.36 -6.38 3.57
C HIS A 113 -14.72 -7.73 3.86
N ASP A 114 -14.80 -8.63 2.87
CA ASP A 114 -13.95 -9.84 2.85
C ASP A 114 -13.87 -10.28 1.39
N GLN A 115 -12.68 -10.19 0.80
CA GLN A 115 -12.50 -10.55 -0.60
C GLN A 115 -11.22 -11.33 -0.75
N SER A 116 -11.20 -12.22 -1.75
CA SER A 116 -10.01 -13.00 -2.05
C SER A 116 -9.72 -12.95 -3.53
N ALA A 117 -8.46 -13.17 -3.87
CA ALA A 117 -7.95 -13.18 -5.24
C ALA A 117 -7.02 -14.38 -5.42
N TYR A 118 -6.94 -14.88 -6.66
CA TYR A 118 -6.01 -15.95 -7.01
C TYR A 118 -5.19 -15.46 -8.20
N ASP A 119 -3.87 -15.53 -8.05
CA ASP A 119 -2.95 -15.03 -9.06
C ASP A 119 -3.29 -13.61 -9.50
N GLY A 120 -3.66 -12.78 -8.54
CA GLY A 120 -3.85 -11.37 -8.79
C GLY A 120 -5.19 -10.99 -9.38
N LYS A 121 -6.10 -11.95 -9.55
CA LYS A 121 -7.42 -11.70 -10.11
C LYS A 121 -8.50 -11.98 -9.08
N ASP A 122 -9.53 -11.14 -9.07
CA ASP A 122 -10.66 -11.36 -8.17
C ASP A 122 -11.09 -12.82 -8.24
N TYR A 123 -11.32 -13.40 -7.06
CA TYR A 123 -11.81 -14.77 -6.95
C TYR A 123 -13.20 -14.80 -6.33
N ILE A 124 -13.36 -14.35 -5.09
CA ILE A 124 -14.69 -14.29 -4.48
C ILE A 124 -14.73 -13.09 -3.55
N ALA A 125 -15.93 -12.52 -3.39
CA ALA A 125 -16.09 -11.39 -2.50
C ALA A 125 -17.39 -11.52 -1.73
N LEU A 126 -17.33 -11.19 -0.44
CA LEU A 126 -18.55 -11.03 0.35
C LEU A 126 -19.27 -9.77 -0.11
N ASN A 127 -20.58 -9.89 -0.38
CA ASN A 127 -21.33 -8.72 -0.81
C ASN A 127 -21.56 -7.77 0.37
N GLU A 128 -21.96 -6.53 0.04
CA GLU A 128 -22.14 -5.51 1.07
C GLU A 128 -23.19 -5.90 2.09
N ASP A 129 -24.14 -6.75 1.71
CA ASP A 129 -25.15 -7.26 2.65
C ASP A 129 -24.58 -8.15 3.74
N LEU A 130 -23.32 -8.55 3.63
CA LEU A 130 -22.66 -9.46 4.58
C LEU A 130 -23.43 -10.78 4.69
N SER A 131 -24.11 -11.17 3.62
CA SER A 131 -24.93 -12.37 3.62
C SER A 131 -24.81 -13.20 2.35
N SER A 132 -24.34 -12.66 1.24
CA SER A 132 -24.23 -13.37 -0.03
C SER A 132 -22.87 -13.09 -0.65
N TRP A 133 -22.54 -13.86 -1.69
CA TRP A 133 -21.22 -13.84 -2.30
C TRP A 133 -21.31 -13.50 -3.78
N THR A 134 -20.24 -12.89 -4.29
CA THR A 134 -20.05 -12.76 -5.73
C THR A 134 -18.81 -13.55 -6.11
N ALA A 135 -19.01 -14.56 -6.97
CA ALA A 135 -17.94 -15.43 -7.43
C ALA A 135 -17.50 -14.97 -8.83
N ALA A 136 -16.17 -14.91 -9.03
CA ALA A 136 -15.65 -14.38 -10.30
C ALA A 136 -15.69 -15.37 -11.46
N ASP A 137 -15.75 -16.67 -11.17
CA ASP A 137 -15.63 -17.67 -12.21
C ASP A 137 -16.22 -18.99 -11.71
N THR A 138 -16.17 -20.03 -12.55
CA THR A 138 -16.82 -21.28 -12.15
C THR A 138 -16.07 -21.99 -11.03
N ALA A 139 -14.76 -21.74 -10.86
CA ALA A 139 -14.05 -22.29 -9.72
C ALA A 139 -14.54 -21.64 -8.44
N ALA A 140 -14.61 -20.31 -8.43
CA ALA A 140 -15.09 -19.61 -7.23
C ALA A 140 -16.54 -19.95 -6.92
N GLN A 141 -17.33 -20.36 -7.91
CA GLN A 141 -18.69 -20.83 -7.62
C GLN A 141 -18.68 -22.11 -6.80
N ILE A 142 -17.65 -22.96 -6.97
CA ILE A 142 -17.51 -24.13 -6.10
C ILE A 142 -17.28 -23.68 -4.66
N THR A 143 -16.37 -22.73 -4.47
CA THR A 143 -16.17 -22.17 -3.14
C THR A 143 -17.45 -21.54 -2.60
N GLN A 144 -18.16 -20.79 -3.45
CA GLN A 144 -19.39 -20.16 -2.99
C GLN A 144 -20.37 -21.19 -2.46
N ARG A 145 -20.52 -22.31 -3.17
CA ARG A 145 -21.46 -23.34 -2.72
C ARG A 145 -21.01 -23.92 -1.39
N LYS A 146 -19.69 -24.14 -1.25
CA LYS A 146 -19.15 -24.66 -0.01
C LYS A 146 -19.38 -23.67 1.14
N TRP A 147 -19.19 -22.38 0.88
CA TRP A 147 -19.32 -21.40 1.95
C TRP A 147 -20.77 -21.11 2.30
N GLU A 148 -21.68 -21.25 1.33
CA GLU A 148 -23.11 -21.18 1.64
C GLU A 148 -23.53 -22.33 2.53
N ALA A 149 -23.03 -23.53 2.24
CA ALA A 149 -23.38 -24.69 3.05
C ALA A 149 -22.83 -24.58 4.47
N ALA A 150 -21.68 -23.93 4.65
CA ALA A 150 -21.04 -23.78 5.95
C ALA A 150 -21.39 -22.46 6.64
N ARG A 151 -22.32 -21.68 6.07
CA ARG A 151 -22.75 -20.42 6.67
C ARG A 151 -21.57 -19.52 7.02
N VAL A 152 -20.59 -19.47 6.10
CA VAL A 152 -19.42 -18.61 6.28
C VAL A 152 -19.81 -17.13 6.35
N ALA A 153 -20.76 -16.70 5.51
CA ALA A 153 -21.12 -15.28 5.52
C ALA A 153 -21.64 -14.86 6.89
N GLU A 154 -22.42 -15.74 7.53
CA GLU A 154 -22.93 -15.39 8.85
C GLU A 154 -21.82 -15.23 9.86
N GLN A 155 -20.80 -16.08 9.78
CA GLN A 155 -19.66 -15.95 10.68
C GLN A 155 -18.95 -14.64 10.43
N LEU A 156 -18.74 -14.28 9.16
CA LEU A 156 -18.08 -13.01 8.83
C LEU A 156 -18.91 -11.84 9.31
N ARG A 157 -20.23 -11.87 9.08
CA ARG A 157 -21.08 -10.78 9.52
C ARG A 157 -20.93 -10.57 11.03
N ALA A 158 -20.91 -11.66 11.79
CA ALA A 158 -20.81 -11.51 13.24
C ALA A 158 -19.48 -10.86 13.64
N TYR A 159 -18.40 -11.23 12.97
CA TYR A 159 -17.10 -10.60 13.24
C TYR A 159 -17.12 -9.13 12.83
N LEU A 160 -17.60 -8.85 11.61
CA LEU A 160 -17.48 -7.49 11.06
C LEU A 160 -18.32 -6.50 11.86
N GLU A 161 -19.50 -6.92 12.33
CA GLU A 161 -20.37 -6.04 13.12
C GLU A 161 -20.00 -6.01 14.59
N GLY A 162 -19.18 -6.96 15.06
CA GLY A 162 -18.89 -7.12 16.47
C GLY A 162 -17.44 -6.81 16.75
N LEU A 163 -16.61 -7.85 16.85
CA LEU A 163 -15.21 -7.65 17.24
C LEU A 163 -14.48 -6.67 16.34
N CYS A 164 -14.72 -6.71 15.02
CA CYS A 164 -13.96 -5.84 14.14
C CYS A 164 -14.15 -4.37 14.52
N VAL A 165 -15.41 -3.97 14.69
CA VAL A 165 -15.69 -2.58 15.05
C VAL A 165 -15.25 -2.28 16.47
N GLU A 166 -15.47 -3.21 17.40
CA GLU A 166 -15.11 -2.95 18.79
C GLU A 166 -13.61 -2.75 18.94
N TRP A 167 -12.80 -3.60 18.30
CA TRP A 167 -11.36 -3.45 18.38
C TRP A 167 -10.85 -2.26 17.59
N LEU A 168 -11.44 -1.96 16.42
CA LEU A 168 -11.05 -0.74 15.73
C LEU A 168 -11.26 0.48 16.62
N ARG A 169 -12.42 0.56 17.31
CA ARG A 169 -12.65 1.72 18.17
C ARG A 169 -11.63 1.76 19.31
N ARG A 170 -11.23 0.59 19.81
CA ARG A 170 -10.21 0.57 20.85
C ARG A 170 -8.87 1.08 20.33
N TYR A 171 -8.45 0.61 19.14
CA TYR A 171 -7.20 1.08 18.55
C TYR A 171 -7.23 2.59 18.31
N LEU A 172 -8.36 3.10 17.81
CA LEU A 172 -8.47 4.53 17.55
C LEU A 172 -8.31 5.34 18.83
N GLU A 173 -8.86 4.85 19.95
CA GLU A 173 -8.69 5.54 21.23
C GLU A 173 -7.25 5.45 21.72
N ASN A 174 -6.66 4.25 21.69
CA ASN A 174 -5.31 4.09 22.21
C ASN A 174 -4.29 4.82 21.36
N GLY A 175 -4.58 4.94 20.06
CA GLY A 175 -3.70 5.64 19.16
C GLY A 175 -4.19 7.02 18.77
N LYS A 176 -5.03 7.64 19.61
CA LYS A 176 -5.70 8.86 19.14
C LYS A 176 -4.73 9.97 18.76
N GLU A 177 -3.56 10.08 19.43
CA GLU A 177 -2.69 11.22 19.12
C GLU A 177 -2.15 11.18 17.69
N THR A 178 -2.15 10.02 17.03
CA THR A 178 -1.70 9.87 15.67
C THR A 178 -2.83 9.44 14.74
N LEU A 179 -3.58 8.39 15.10
CA LEU A 179 -4.64 7.92 14.21
C LEU A 179 -5.73 8.95 14.02
N GLN A 180 -5.99 9.80 15.02
CA GLN A 180 -7.02 10.81 14.92
C GLN A 180 -6.44 12.21 14.71
N ARG A 181 -5.22 12.29 14.15
CA ARG A 181 -4.60 13.56 13.82
C ARG A 181 -4.30 13.58 12.34
N ALA A 182 -4.89 14.52 11.63
CA ALA A 182 -4.55 14.74 10.23
C ALA A 182 -3.41 15.75 10.16
N ASP A 183 -2.39 15.44 9.36
CA ASP A 183 -1.30 16.38 9.11
C ASP A 183 -1.49 16.97 7.74
N PRO A 184 -1.73 18.26 7.60
CA PRO A 184 -1.97 18.84 6.26
C PRO A 184 -0.72 18.84 5.42
N PRO A 185 -0.88 18.87 4.10
CA PRO A 185 0.27 18.95 3.23
C PRO A 185 0.98 20.30 3.34
N LYS A 186 2.28 20.25 3.25
CA LYS A 186 3.10 21.42 3.00
C LYS A 186 3.24 21.52 1.49
N THR A 187 2.85 22.65 0.91
CA THR A 187 2.69 22.77 -0.54
C THR A 187 3.55 23.88 -1.12
N HIS A 188 4.00 23.66 -2.36
CA HIS A 188 4.71 24.70 -3.10
C HIS A 188 4.74 24.31 -4.57
N VAL A 189 5.02 25.29 -5.42
CA VAL A 189 5.09 25.10 -6.86
C VAL A 189 6.51 25.39 -7.33
N THR A 190 7.08 24.47 -8.09
CA THR A 190 8.38 24.70 -8.72
C THR A 190 8.21 24.88 -10.22
N HIS A 191 9.22 25.49 -10.83
CA HIS A 191 9.21 25.87 -12.23
C HIS A 191 10.52 25.38 -12.85
N HIS A 192 10.41 24.64 -13.95
CA HIS A 192 11.58 24.05 -14.60
C HIS A 192 11.46 24.29 -16.11
N PRO A 193 12.23 25.22 -16.70
CA PRO A 193 12.14 25.41 -18.15
C PRO A 193 12.47 24.13 -18.89
N VAL A 194 11.71 23.85 -19.93
CA VAL A 194 11.97 22.72 -20.81
C VAL A 194 12.69 23.17 -22.07
N SER A 195 12.35 24.37 -22.53
CA SER A 195 12.91 24.95 -23.73
C SER A 195 12.72 26.45 -23.62
N ASP A 196 12.99 27.17 -24.70
CA ASP A 196 12.80 28.62 -24.64
C ASP A 196 11.34 29.02 -24.66
N HIS A 197 10.42 28.11 -24.98
CA HIS A 197 9.01 28.49 -25.00
C HIS A 197 8.09 27.61 -24.17
N GLU A 198 8.61 26.64 -23.42
CA GLU A 198 7.76 25.88 -22.51
C GLU A 198 8.49 25.66 -21.20
N ALA A 199 7.71 25.47 -20.13
CA ALA A 199 8.25 25.19 -18.80
C ALA A 199 7.32 24.21 -18.09
N THR A 200 7.89 23.42 -17.18
CA THR A 200 7.11 22.54 -16.31
C THR A 200 6.78 23.28 -15.01
N LEU A 201 5.50 23.28 -14.64
CA LEU A 201 5.10 23.68 -13.29
C LEU A 201 4.79 22.41 -12.53
N ARG A 202 5.38 22.27 -11.36
CA ARG A 202 5.17 21.06 -10.55
C ARG A 202 4.64 21.47 -9.19
N CYS A 203 3.44 21.01 -8.88
CA CYS A 203 2.81 21.30 -7.60
C CYS A 203 3.09 20.15 -6.64
N TRP A 204 3.70 20.49 -5.52
CA TRP A 204 4.15 19.52 -4.53
C TRP A 204 3.29 19.52 -3.27
N ALA A 205 3.00 18.33 -2.74
CA ALA A 205 2.39 18.16 -1.43
C ALA A 205 3.26 17.21 -0.64
N LEU A 206 3.71 17.63 0.55
CA LEU A 206 4.64 16.85 1.35
C LEU A 206 4.15 16.77 2.79
N GLY A 207 4.51 15.66 3.46
CA GLY A 207 4.33 15.59 4.90
C GLY A 207 2.89 15.41 5.36
N PHE A 208 2.01 14.86 4.53
CA PHE A 208 0.60 14.80 4.88
C PHE A 208 0.20 13.41 5.34
N TYR A 209 -0.85 13.37 6.17
CA TYR A 209 -1.43 12.12 6.64
C TYR A 209 -2.89 12.45 6.88
N PRO A 210 -3.84 11.61 6.45
CA PRO A 210 -3.64 10.33 5.77
C PRO A 210 -3.30 10.53 4.29
N ALA A 211 -3.24 9.43 3.56
CA ALA A 211 -2.69 9.46 2.20
C ALA A 211 -3.65 10.08 1.19
N GLU A 212 -4.96 10.02 1.42
CA GLU A 212 -5.92 10.55 0.45
C GLU A 212 -5.69 12.05 0.25
N ILE A 213 -5.58 12.45 -1.01
CA ILE A 213 -5.32 13.84 -1.35
C ILE A 213 -5.78 14.03 -2.78
N THR A 214 -6.16 15.26 -3.13
CA THR A 214 -6.41 15.61 -4.51
C THR A 214 -5.54 16.80 -4.88
N LEU A 215 -4.76 16.66 -5.96
CA LEU A 215 -3.97 17.75 -6.52
C LEU A 215 -4.44 17.92 -7.96
N THR A 216 -4.84 19.14 -8.32
CA THR A 216 -5.25 19.37 -9.70
C THR A 216 -4.70 20.70 -10.20
N TRP A 217 -4.38 20.73 -11.49
CA TRP A 217 -3.99 21.95 -12.16
C TRP A 217 -5.16 22.49 -12.97
N GLN A 218 -5.38 23.79 -12.90
CA GLN A 218 -6.35 24.48 -13.75
C GLN A 218 -5.62 25.49 -14.62
N ARG A 219 -6.10 25.64 -15.85
CA ARG A 219 -5.65 26.68 -16.77
C ARG A 219 -6.86 27.54 -17.04
N ASP A 220 -6.76 28.83 -16.72
CA ASP A 220 -7.91 29.73 -16.89
C ASP A 220 -9.14 29.14 -16.19
N GLY A 221 -8.91 28.48 -15.04
CA GLY A 221 -10.02 27.96 -14.25
C GLY A 221 -10.61 26.66 -14.72
N GLU A 222 -10.02 25.99 -15.71
CA GLU A 222 -10.51 24.73 -16.23
C GLU A 222 -9.52 23.62 -15.89
N ASP A 223 -10.02 22.50 -15.37
CA ASP A 223 -9.16 21.38 -15.02
C ASP A 223 -8.40 20.86 -16.23
N GLN A 224 -7.12 20.56 -16.03
CA GLN A 224 -6.25 20.07 -17.08
C GLN A 224 -5.99 18.58 -16.94
N THR A 225 -7.06 17.82 -16.72
CA THR A 225 -6.90 16.42 -16.32
C THR A 225 -6.08 15.64 -17.33
N GLN A 226 -6.40 15.78 -18.62
CA GLN A 226 -5.72 15.00 -19.64
C GLN A 226 -4.29 15.50 -19.94
N ASP A 227 -3.90 16.66 -19.41
CA ASP A 227 -2.57 17.22 -19.64
C ASP A 227 -1.70 17.25 -18.38
N THR A 228 -2.17 16.69 -17.27
CA THR A 228 -1.42 16.71 -16.03
C THR A 228 -0.74 15.37 -15.82
N GLU A 229 0.54 15.41 -15.45
CA GLU A 229 1.26 14.23 -14.98
C GLU A 229 1.14 14.14 -13.46
N LEU A 230 0.61 13.04 -12.98
CA LEU A 230 0.29 12.89 -11.57
C LEU A 230 0.99 11.63 -11.10
N VAL A 231 1.94 11.76 -10.16
CA VAL A 231 2.61 10.56 -9.63
C VAL A 231 1.75 9.91 -8.56
N GLU A 232 1.95 8.60 -8.41
CA GLU A 232 1.29 7.88 -7.33
C GLU A 232 1.73 8.46 -5.99
N THR A 233 0.76 8.61 -5.09
CA THR A 233 1.08 9.01 -3.72
C THR A 233 2.04 8.00 -3.11
N ARG A 234 3.08 8.50 -2.44
CA ARG A 234 4.19 7.65 -2.03
C ARG A 234 4.54 7.91 -0.58
N PRO A 235 4.97 6.87 0.15
CA PRO A 235 5.28 7.05 1.57
C PRO A 235 6.65 7.68 1.78
N ALA A 236 6.71 8.62 2.73
CA ALA A 236 7.98 9.24 3.07
C ALA A 236 8.83 8.35 3.98
N GLY A 237 8.19 7.45 4.74
CA GLY A 237 8.88 6.62 5.72
C GLY A 237 8.75 7.10 7.15
N ASP A 238 8.12 8.25 7.37
CA ASP A 238 7.91 8.81 8.70
C ASP A 238 6.42 8.88 9.05
N ARG A 239 5.62 8.07 8.37
CA ARG A 239 4.16 7.93 8.45
C ARG A 239 3.47 8.80 7.41
N THR A 240 4.14 9.85 6.92
CA THR A 240 3.49 10.79 6.02
C THR A 240 3.69 10.37 4.57
N PHE A 241 3.00 11.10 3.70
CA PHE A 241 2.98 10.82 2.28
C PHE A 241 3.40 12.04 1.50
N GLN A 242 3.73 11.78 0.22
CA GLN A 242 4.12 12.82 -0.73
C GLN A 242 3.41 12.60 -2.05
N LYS A 243 3.18 13.69 -2.78
CA LYS A 243 2.62 13.58 -4.12
C LYS A 243 2.99 14.83 -4.89
N TRP A 244 3.08 14.72 -6.22
CA TRP A 244 3.15 15.91 -7.04
C TRP A 244 2.32 15.77 -8.31
N ALA A 245 2.00 16.93 -8.90
CA ALA A 245 1.31 17.03 -10.17
C ALA A 245 2.01 18.05 -11.03
N ALA A 246 2.18 17.75 -12.31
CA ALA A 246 2.95 18.63 -13.19
C ALA A 246 2.22 18.88 -14.50
N VAL A 247 2.40 20.09 -15.02
CA VAL A 247 1.90 20.48 -16.34
C VAL A 247 3.02 21.18 -17.07
N VAL A 248 3.04 21.01 -18.39
CA VAL A 248 3.96 21.75 -19.24
C VAL A 248 3.17 22.90 -19.85
N VAL A 249 3.68 24.11 -19.66
CA VAL A 249 2.91 25.30 -20.03
C VAL A 249 3.73 26.19 -20.95
N PRO A 250 3.08 27.02 -21.76
CA PRO A 250 3.82 27.95 -22.62
C PRO A 250 4.48 29.02 -21.76
N SER A 251 5.75 29.28 -22.04
CA SER A 251 6.45 30.35 -21.33
C SER A 251 5.69 31.65 -21.47
N GLY A 252 5.54 32.37 -20.36
CA GLY A 252 4.75 33.58 -20.33
C GLY A 252 3.31 33.37 -19.94
N GLU A 253 2.85 32.12 -19.87
CA GLU A 253 1.48 31.84 -19.48
C GLU A 253 1.38 31.26 -18.06
N GLU A 254 2.48 31.26 -17.30
CA GLU A 254 2.48 30.56 -16.01
C GLU A 254 1.37 31.06 -15.08
N GLN A 255 1.07 32.35 -15.10
CA GLN A 255 0.10 32.87 -14.15
C GLN A 255 -1.32 32.49 -14.48
N ARG A 256 -1.55 31.87 -15.64
CA ARG A 256 -2.88 31.35 -15.98
C ARG A 256 -3.14 30.01 -15.34
N TYR A 257 -2.15 29.45 -14.66
CA TYR A 257 -2.26 28.13 -14.07
C TYR A 257 -2.34 28.22 -12.55
N THR A 258 -3.27 27.46 -11.97
CA THR A 258 -3.39 27.37 -10.52
C THR A 258 -3.43 25.92 -10.11
N CYS A 259 -2.78 25.62 -9.00
CA CYS A 259 -2.84 24.29 -8.42
C CYS A 259 -3.82 24.29 -7.26
N HIS A 260 -4.63 23.25 -7.18
CA HIS A 260 -5.69 23.14 -6.19
C HIS A 260 -5.44 21.90 -5.37
N VAL A 261 -5.42 22.05 -4.04
CA VAL A 261 -5.08 20.97 -3.12
C VAL A 261 -6.24 20.75 -2.17
N GLN A 262 -6.71 19.52 -2.10
CA GLN A 262 -7.73 19.14 -1.12
C GLN A 262 -7.17 18.03 -0.24
N HIS A 263 -7.35 18.19 1.07
CA HIS A 263 -6.87 17.21 2.05
C HIS A 263 -7.64 17.42 3.34
N GLU A 264 -7.89 16.30 4.05
CA GLU A 264 -8.68 16.35 5.28
C GLU A 264 -8.07 17.24 6.35
N GLY A 265 -6.76 17.46 6.29
CA GLY A 265 -6.05 18.30 7.25
C GLY A 265 -6.19 19.79 7.00
N LEU A 266 -6.71 20.17 5.84
CA LEU A 266 -6.88 21.58 5.46
C LEU A 266 -8.28 22.05 5.81
N PRO A 267 -8.42 23.21 6.47
CA PRO A 267 -9.77 23.76 6.72
C PRO A 267 -10.52 24.10 5.44
N LYS A 268 -9.82 24.50 4.40
CA LYS A 268 -10.40 24.86 3.12
C LYS A 268 -9.41 24.42 2.07
N PRO A 269 -9.87 24.06 0.87
CA PRO A 269 -8.94 23.73 -0.21
C PRO A 269 -7.99 24.90 -0.47
N LEU A 270 -6.77 24.57 -0.86
CA LEU A 270 -5.74 25.56 -1.14
C LEU A 270 -5.64 25.79 -2.64
N THR A 271 -5.39 27.03 -3.02
CA THR A 271 -5.03 27.39 -4.38
C THR A 271 -3.63 27.98 -4.35
N LEU A 272 -2.74 27.46 -5.17
CA LEU A 272 -1.38 27.93 -5.25
C LEU A 272 -1.02 28.27 -6.69
N ARG A 273 -0.04 29.15 -6.83
CA ARG A 273 0.50 29.53 -8.12
C ARG A 273 2.02 29.55 -8.03
N TRP A 274 2.67 29.53 -9.18
CA TRP A 274 4.11 29.72 -9.18
C TRP A 274 4.43 31.15 -8.74
N GLU A 275 5.31 31.28 -7.74
CA GLU A 275 5.71 32.57 -7.20
C GLU A 275 7.15 32.83 -7.61
N PRO A 276 7.38 33.58 -8.70
CA PRO A 276 8.74 33.84 -9.19
C PRO A 276 9.52 34.88 -8.38
N SER A 277 9.56 34.68 -7.06
CA SER A 277 10.39 35.55 -6.22
C SER A 277 11.66 34.83 -5.79
N ILE B 1 -1.19 -11.82 -17.16
CA ILE B 1 -1.09 -12.58 -15.93
C ILE B 1 -0.19 -11.88 -14.90
N GLN B 2 0.78 -11.09 -15.37
CA GLN B 2 1.73 -10.45 -14.48
C GLN B 2 1.75 -8.95 -14.71
N ARG B 3 2.20 -8.22 -13.69
CA ARG B 3 2.22 -6.76 -13.72
C ARG B 3 3.60 -6.25 -13.34
N THR B 4 4.13 -5.33 -14.15
CA THR B 4 5.50 -4.89 -13.91
C THR B 4 5.52 -3.74 -12.90
N PRO B 5 6.60 -3.60 -12.14
CA PRO B 5 6.63 -2.56 -11.10
C PRO B 5 6.76 -1.15 -11.65
N LYS B 6 5.98 -0.26 -11.05
CA LYS B 6 6.30 1.16 -11.07
C LYS B 6 7.38 1.44 -10.03
N ILE B 7 8.22 2.43 -10.30
CA ILE B 7 9.38 2.73 -9.47
C ILE B 7 9.48 4.23 -9.27
N GLN B 8 9.55 4.66 -8.01
CA GLN B 8 9.91 6.05 -7.71
C GLN B 8 11.08 6.07 -6.74
N VAL B 9 12.05 6.96 -6.98
CA VAL B 9 13.23 7.11 -6.14
C VAL B 9 13.26 8.56 -5.67
N TYR B 10 13.36 8.75 -4.37
CA TYR B 10 13.16 10.07 -3.77
C TYR B 10 13.68 10.07 -2.35
N SER B 11 13.73 11.25 -1.75
CA SER B 11 14.19 11.36 -0.39
C SER B 11 13.03 11.65 0.57
N ARG B 12 13.25 11.30 1.83
CA ARG B 12 12.21 11.52 2.84
C ARG B 12 11.94 13.01 3.05
N HIS B 13 13.01 13.81 3.09
CA HIS B 13 12.97 15.26 3.26
C HIS B 13 13.61 15.90 2.05
N PRO B 14 13.31 17.17 1.77
CA PRO B 14 13.97 17.84 0.63
C PRO B 14 15.48 17.75 0.80
N ALA B 15 16.16 17.47 -0.30
CA ALA B 15 17.59 17.21 -0.23
C ALA B 15 18.35 18.48 0.08
N GLU B 16 19.31 18.40 0.99
CA GLU B 16 20.25 19.47 1.27
C GLU B 16 21.63 18.84 1.43
N ASN B 17 22.58 19.27 0.59
CA ASN B 17 23.89 18.64 0.60
C ASN B 17 24.52 18.70 1.99
N GLY B 18 25.09 17.58 2.42
CA GLY B 18 25.70 17.48 3.72
C GLY B 18 24.76 17.22 4.87
N LYS B 19 23.45 17.15 4.65
CA LYS B 19 22.50 16.91 5.73
C LYS B 19 21.92 15.51 5.60
N SER B 20 21.95 14.76 6.70
CA SER B 20 21.51 13.38 6.68
C SER B 20 20.03 13.31 6.30
N ASN B 21 19.65 12.24 5.60
CA ASN B 21 18.31 12.11 5.03
C ASN B 21 18.05 10.61 4.88
N PHE B 22 16.95 10.26 4.22
CA PHE B 22 16.65 8.88 3.84
C PHE B 22 16.39 8.84 2.36
N LEU B 23 17.01 7.88 1.70
CA LEU B 23 16.79 7.59 0.30
C LEU B 23 15.78 6.46 0.20
N ASN B 24 14.70 6.71 -0.55
CA ASN B 24 13.59 5.78 -0.68
C ASN B 24 13.51 5.28 -2.12
N CYS B 25 13.23 3.98 -2.27
CA CYS B 25 12.79 3.41 -3.53
C CYS B 25 11.45 2.73 -3.28
N TYR B 26 10.40 3.28 -3.88
CA TYR B 26 9.04 2.75 -3.70
C TYR B 26 8.69 1.99 -4.95
N VAL B 27 8.45 0.69 -4.82
CA VAL B 27 8.03 -0.15 -5.92
C VAL B 27 6.57 -0.54 -5.71
N SER B 28 5.76 -0.43 -6.74
CA SER B 28 4.34 -0.66 -6.56
C SER B 28 3.75 -1.17 -7.85
N GLY B 29 2.51 -1.65 -7.77
CA GLY B 29 1.78 -2.06 -8.95
C GLY B 29 2.23 -3.36 -9.57
N PHE B 30 3.00 -4.18 -8.87
CA PHE B 30 3.57 -5.37 -9.48
C PHE B 30 2.89 -6.64 -8.99
N HIS B 31 3.03 -7.69 -9.78
CA HIS B 31 2.48 -9.00 -9.42
C HIS B 31 3.20 -9.99 -10.34
N PRO B 32 3.77 -11.09 -9.80
CA PRO B 32 3.71 -11.56 -8.42
C PRO B 32 4.65 -10.79 -7.49
N SER B 33 4.74 -11.24 -6.23
CA SER B 33 5.34 -10.42 -5.18
C SER B 33 6.86 -10.52 -5.11
N ASP B 34 7.47 -11.59 -5.62
CA ASP B 34 8.91 -11.67 -5.55
C ASP B 34 9.53 -10.56 -6.39
N ILE B 35 10.50 -9.85 -5.81
CA ILE B 35 11.12 -8.71 -6.48
C ILE B 35 12.47 -8.49 -5.82
N GLU B 36 13.43 -8.01 -6.62
CA GLU B 36 14.77 -7.71 -6.13
C GLU B 36 14.97 -6.22 -6.26
N VAL B 37 15.32 -5.57 -5.17
CA VAL B 37 15.52 -4.12 -5.19
C VAL B 37 16.84 -3.82 -4.50
N ASP B 38 17.71 -3.09 -5.20
CA ASP B 38 18.96 -2.63 -4.62
C ASP B 38 18.98 -1.12 -4.69
N LEU B 39 19.55 -0.49 -3.68
CA LEU B 39 19.86 0.93 -3.73
C LEU B 39 21.35 1.06 -4.05
N LEU B 40 21.68 1.99 -4.95
CA LEU B 40 23.05 2.11 -5.44
C LEU B 40 23.62 3.47 -5.09
N LYS B 41 24.89 3.50 -4.69
CA LYS B 41 25.64 4.73 -4.53
C LYS B 41 26.79 4.68 -5.51
N ASN B 42 26.79 5.61 -6.47
CA ASN B 42 27.82 5.62 -7.51
C ASN B 42 27.99 4.25 -8.16
N GLY B 43 26.86 3.57 -8.38
CA GLY B 43 26.83 2.30 -9.04
C GLY B 43 27.04 1.09 -8.16
N GLU B 44 27.36 1.28 -6.89
CA GLU B 44 27.67 0.16 -6.00
C GLU B 44 26.52 -0.09 -5.05
N ARG B 45 26.24 -1.36 -4.77
CA ARG B 45 25.11 -1.72 -3.92
C ARG B 45 25.34 -1.26 -2.50
N ILE B 46 24.36 -0.55 -1.94
CA ILE B 46 24.40 -0.13 -0.54
C ILE B 46 24.01 -1.32 0.32
N GLU B 47 24.81 -1.59 1.37
CA GLU B 47 24.63 -2.82 2.12
C GLU B 47 23.47 -2.73 3.10
N LYS B 48 23.30 -1.59 3.74
CA LYS B 48 22.32 -1.44 4.81
C LYS B 48 21.04 -0.87 4.20
N VAL B 49 20.16 -1.74 3.74
CA VAL B 49 18.88 -1.31 3.17
C VAL B 49 17.78 -2.09 3.86
N GLU B 50 16.76 -1.38 4.33
CA GLU B 50 15.60 -2.01 4.94
C GLU B 50 14.42 -1.91 4.00
N HIS B 51 13.38 -2.69 4.27
CA HIS B 51 12.16 -2.57 3.47
C HIS B 51 10.93 -2.80 4.35
N SER B 52 9.81 -2.27 3.89
CA SER B 52 8.53 -2.43 4.55
C SER B 52 8.01 -3.87 4.41
N ASP B 53 6.99 -4.19 5.20
CA ASP B 53 6.36 -5.51 5.13
C ASP B 53 5.42 -5.56 3.93
N LEU B 54 5.42 -6.69 3.23
CA LEU B 54 4.65 -6.81 1.99
C LEU B 54 3.16 -6.52 2.22
N SER B 55 2.63 -5.61 1.42
CA SER B 55 1.21 -5.35 1.40
C SER B 55 0.78 -5.14 -0.05
N PHE B 56 -0.52 -4.87 -0.25
CA PHE B 56 -1.02 -4.71 -1.60
C PHE B 56 -2.20 -3.73 -1.63
N SER B 57 -2.45 -3.23 -2.82
CA SER B 57 -3.48 -2.25 -3.14
C SER B 57 -4.80 -2.94 -3.48
N LYS B 58 -5.84 -2.10 -3.65
CA LYS B 58 -7.17 -2.64 -3.90
C LYS B 58 -7.27 -3.45 -5.19
N ASP B 59 -6.35 -3.24 -6.13
CA ASP B 59 -6.31 -4.04 -7.35
C ASP B 59 -5.44 -5.28 -7.21
N TRP B 60 -5.01 -5.61 -5.99
CA TRP B 60 -4.22 -6.78 -5.65
C TRP B 60 -2.74 -6.64 -5.99
N SER B 61 -2.32 -5.53 -6.58
CA SER B 61 -0.91 -5.41 -6.89
C SER B 61 -0.12 -5.04 -5.62
N PHE B 62 1.12 -5.48 -5.57
CA PHE B 62 1.93 -5.35 -4.37
C PHE B 62 2.66 -4.02 -4.33
N TYR B 63 3.04 -3.60 -3.12
CA TYR B 63 3.92 -2.43 -2.97
C TYR B 63 4.88 -2.65 -1.81
N LEU B 64 6.07 -2.07 -1.95
CA LEU B 64 7.14 -2.14 -0.96
C LEU B 64 7.94 -0.85 -1.00
N LEU B 65 8.35 -0.37 0.19
CA LEU B 65 9.27 0.73 0.32
C LEU B 65 10.62 0.18 0.78
N TYR B 66 11.67 0.44 -0.01
CA TYR B 66 13.06 0.16 0.38
C TYR B 66 13.70 1.49 0.75
N TYR B 67 14.52 1.51 1.81
CA TYR B 67 15.04 2.78 2.26
C TYR B 67 16.36 2.58 2.99
N THR B 68 17.16 3.64 2.96
CA THR B 68 18.42 3.65 3.70
C THR B 68 18.75 5.09 4.07
N GLU B 69 19.49 5.25 5.16
CA GLU B 69 19.96 6.57 5.51
C GLU B 69 21.08 6.98 4.55
N PHE B 70 21.09 8.26 4.18
CA PHE B 70 22.16 8.76 3.35
C PHE B 70 22.35 10.25 3.56
N THR B 71 23.54 10.73 3.25
CA THR B 71 23.83 12.16 3.27
C THR B 71 24.16 12.59 1.86
N PRO B 72 23.24 13.24 1.16
CA PRO B 72 23.51 13.63 -0.23
C PRO B 72 24.63 14.64 -0.33
N THR B 73 25.34 14.57 -1.46
CA THR B 73 26.37 15.52 -1.81
C THR B 73 26.10 16.02 -3.22
N GLU B 74 26.93 16.97 -3.67
CA GLU B 74 26.74 17.48 -5.02
C GLU B 74 27.06 16.42 -6.06
N LYS B 75 28.11 15.62 -5.84
CA LYS B 75 28.60 14.72 -6.87
C LYS B 75 28.13 13.28 -6.74
N ASP B 76 27.72 12.82 -5.56
CA ASP B 76 27.38 11.41 -5.41
C ASP B 76 26.08 11.11 -6.14
N GLU B 77 26.07 10.02 -6.92
CA GLU B 77 24.89 9.60 -7.67
C GLU B 77 24.23 8.45 -6.94
N TYR B 78 22.91 8.49 -6.86
CA TYR B 78 22.15 7.43 -6.24
C TYR B 78 21.11 6.92 -7.21
N ALA B 79 20.75 5.64 -7.05
CA ALA B 79 19.83 5.00 -7.97
C ALA B 79 19.20 3.81 -7.26
N CYS B 80 18.12 3.32 -7.86
CA CYS B 80 17.49 2.09 -7.42
C CYS B 80 17.48 1.13 -8.60
N ARG B 81 17.88 -0.12 -8.34
CA ARG B 81 17.90 -1.16 -9.36
C ARG B 81 16.89 -2.24 -9.02
N VAL B 82 15.97 -2.51 -9.94
CA VAL B 82 14.83 -3.38 -9.67
C VAL B 82 14.84 -4.53 -10.68
N ASN B 83 14.68 -5.76 -10.19
CA ASN B 83 14.47 -6.90 -11.07
C ASN B 83 13.18 -7.61 -10.65
N HIS B 84 12.47 -8.13 -11.65
CA HIS B 84 11.18 -8.76 -11.47
C HIS B 84 10.96 -9.68 -12.66
N VAL B 85 10.10 -10.67 -12.50
CA VAL B 85 9.89 -11.65 -13.57
C VAL B 85 9.42 -10.97 -14.87
N THR B 86 8.75 -9.82 -14.78
CA THR B 86 8.25 -9.11 -15.96
C THR B 86 9.34 -8.39 -16.75
N LEU B 87 10.54 -8.28 -16.21
CA LEU B 87 11.61 -7.50 -16.82
C LEU B 87 12.62 -8.43 -17.48
N SER B 88 13.04 -8.09 -18.69
CA SER B 88 14.06 -8.88 -19.36
C SER B 88 15.46 -8.52 -18.90
N GLN B 89 15.63 -7.34 -18.30
CA GLN B 89 16.85 -6.97 -17.63
C GLN B 89 16.48 -6.05 -16.49
N PRO B 90 17.33 -5.91 -15.48
CA PRO B 90 17.02 -5.00 -14.38
C PRO B 90 16.83 -3.57 -14.87
N LYS B 91 15.92 -2.87 -14.21
CA LYS B 91 15.64 -1.48 -14.50
C LYS B 91 16.35 -0.62 -13.46
N ILE B 92 17.10 0.37 -13.90
CA ILE B 92 17.80 1.30 -13.02
C ILE B 92 17.11 2.65 -13.14
N VAL B 93 16.70 3.21 -12.00
CA VAL B 93 16.08 4.51 -11.96
C VAL B 93 16.95 5.40 -11.11
N LYS B 94 17.44 6.49 -11.69
CA LYS B 94 18.35 7.38 -10.98
C LYS B 94 17.56 8.32 -10.08
N TRP B 95 18.15 8.65 -8.92
CA TRP B 95 17.56 9.65 -8.05
C TRP B 95 17.72 11.03 -8.66
N ASP B 96 16.61 11.74 -8.80
CA ASP B 96 16.61 13.14 -9.24
C ASP B 96 15.99 13.92 -8.09
N ARG B 97 16.79 14.78 -7.46
CA ARG B 97 16.33 15.44 -6.24
C ARG B 97 15.12 16.35 -6.47
N ASP B 98 14.75 16.63 -7.72
CA ASP B 98 13.57 17.42 -8.04
C ASP B 98 12.36 16.59 -8.45
N MET B 99 12.40 15.28 -8.22
CA MET B 99 11.30 14.37 -8.60
C MET B 99 10.74 13.55 -7.43
N VAL C 1 -8.11 -6.69 15.75
CA VAL C 1 -7.94 -8.12 15.87
C VAL C 1 -8.36 -8.87 14.59
N SER C 2 -7.65 -9.96 14.30
CA SER C 2 -7.86 -10.73 13.07
C SER C 2 -9.04 -11.68 13.23
N PHE C 3 -9.49 -12.23 12.12
CA PHE C 3 -10.54 -13.23 12.13
C PHE C 3 -9.99 -14.51 11.50
N ILE C 4 -10.80 -15.55 11.50
CA ILE C 4 -10.37 -16.85 10.99
C ILE C 4 -10.41 -16.94 9.48
N GLU C 5 -9.75 -17.97 8.97
CA GLU C 5 -9.66 -18.33 7.56
C GLU C 5 -10.64 -19.46 7.25
N PHE C 6 -11.01 -19.56 5.98
CA PHE C 6 -11.91 -20.60 5.51
C PHE C 6 -11.27 -21.36 4.37
N VAL C 7 -11.53 -22.66 4.31
CA VAL C 7 -11.06 -23.51 3.22
C VAL C 7 -11.92 -23.25 1.99
N ILE C 8 -11.26 -23.02 0.85
CA ILE C 8 -11.96 -22.72 -0.41
C ILE C 8 -12.53 -23.96 -1.11
#